data_8KDN
#
_entry.id   8KDN
#
_cell.length_a   1.00
_cell.length_b   1.00
_cell.length_c   1.00
_cell.angle_alpha   90.00
_cell.angle_beta   90.00
_cell.angle_gamma   90.00
#
_symmetry.space_group_name_H-M   'P 1'
#
loop_
_entity.id
_entity.type
_entity.pdbx_description
1 polymer '4F2 cell-surface antigen heavy chain'
2 polymer 'Large neutral amino acids transporter small subunit 1'
3 non-polymer PHENYLALANINE
#
loop_
_entity_poly.entity_id
_entity_poly.type
_entity_poly.pdbx_seq_one_letter_code
_entity_poly.pdbx_strand_id
1 'polypeptide(L)'
;GSELQPPEASIAVVSIPRQLPGSHSEAGVQGLSAGDDSELGSHCVAQTGLELLASGDPLPSASQNAEMIETGSDCVTQAG
LQLLASSDPPALASKNAEVTGTMSQDTEVDMKEVELNELEPEKQPMNAASGAAMSLAGAEKNGLVKIKVAEDEAEAAAAA
KFTGLSKEELLKVAGSPGWVRTRWALLLLFWLGWLGMLAGAVVIIVRAPRCRELPAQKWWHTGALYRIGDLQAFQGHGAG
NLAGLKGRLDYLSSLKVKGLVLGPIHKNQKDDVAQTDLLQIDPNFGSKEDFDSLLQSAKKKSIRVILDLTPNYRGENSWF
STQVDTVATKVKDALEFWLQAGVDGFQVRDIENLKDASSFLAEWQNITKGFSEDRLLIAGTNSSDLQQILSLLESNKDLL
LTSSYLSDSGSTGEHTKSLVTQYLNATGNRWCSWSLSQARLLTSFLPAQLLRLYQLMLFTLPGTPVFSYGDEIGLDAAAL
PGQPMEAPVMLWDESSFPDIPGAVSANMTVKGQSEDPGSLLSLFRRLSDQRSKERSLLHGDFHAFSAGPGLFSYIRHWDQ
NERFLVVLNFGDVGLSAGLQASDLPASASLPAKADLLLSTQPGREEGSPLELERLKLEPHEGLLLRFPYAA
;
A
2 'polypeptide(L)'
;MAGAGPKRRALAAPAAEEKEEAREKMLAAKSADGSAPAGEGEGVTLQRNITLLNGVAIIVGTIIGSGIFVTPTGVLKEAG
SPGLALVVWAACGVFSIVGALCYAELGTTISKSGGDYAYMLEVYGSLPAFLKLWIELLIIRPSSQYIVALVFATYLLKPL
FPTCPVPEEAAKLVACLCVLLLTAVNCYSVKAATRVQDAFAAAKLLALALIILLGFVQIGKGDVSNLDPNFSFEGTKLDV
GNIVLALYSGLFAYGGWNYLNFVTEEMINPYRNLPLAIIISLPIVTLVYVLTNLAYFTTLSTEQMLSSEAVAVDFGNYHL
GVMSWIIPVFVGLSCFGSVNGSLFTSSRLFFVGSREGHLPSILSMIHPQLLTPVPSLVFTCVMTLLYAFSKDIFSVINFF
SFFNWLCVALAIIGMIWLRHRKPELERPIKVNLALPVFFILACLFLIAVSFWKTPVECGIGFTIILSGLPVYFFGVWWKN
KPKWLLQGIFSTTVLCQKLMQVVPQETDYKDDDDK
;
B
#
# COMPACT_ATOMS: atom_id res chain seq x y z
N THR A 163 14.84 -24.37 -0.89
CA THR A 163 15.38 -25.40 0.04
C THR A 163 14.38 -25.65 1.19
N GLY A 164 13.40 -26.54 0.94
CA GLY A 164 12.41 -26.95 1.92
C GLY A 164 12.97 -27.96 2.94
N LEU A 165 12.48 -27.90 4.19
CA LEU A 165 12.88 -28.80 5.27
C LEU A 165 11.63 -29.26 6.03
N SER A 166 11.61 -30.53 6.44
CA SER A 166 10.37 -31.26 6.74
C SER A 166 9.73 -30.81 8.07
N LYS A 167 8.38 -30.67 8.07
CA LYS A 167 7.62 -30.49 9.30
C LYS A 167 7.97 -31.54 10.38
N GLU A 168 7.94 -32.83 10.00
CA GLU A 168 8.19 -33.94 10.93
C GLU A 168 9.67 -34.08 11.34
N GLU A 169 10.61 -33.40 10.65
CA GLU A 169 11.98 -33.22 11.13
C GLU A 169 12.02 -32.11 12.19
N LEU A 170 11.48 -30.93 11.84
CA LEU A 170 11.51 -29.75 12.70
C LEU A 170 10.84 -30.03 14.06
N LEU A 171 9.66 -30.68 14.05
CA LEU A 171 8.89 -30.86 15.28
C LEU A 171 9.51 -31.89 16.25
N LYS A 172 10.62 -32.57 15.90
CA LYS A 172 11.46 -33.29 16.86
C LYS A 172 12.22 -32.34 17.80
N VAL A 173 12.65 -31.17 17.30
CA VAL A 173 13.46 -30.19 18.04
C VAL A 173 12.59 -29.04 18.57
N ALA A 174 11.61 -28.59 17.77
CA ALA A 174 10.86 -27.36 18.01
C ALA A 174 10.03 -27.35 19.30
N GLY A 175 9.71 -28.54 19.86
CA GLY A 175 8.98 -28.68 21.12
C GLY A 175 9.86 -28.73 22.37
N SER A 176 11.20 -28.66 22.23
CA SER A 176 12.13 -28.86 23.36
C SER A 176 12.07 -27.71 24.38
N PRO A 177 12.30 -27.97 25.70
CA PRO A 177 12.11 -26.97 26.76
C PRO A 177 12.85 -25.64 26.59
N GLY A 178 14.14 -25.67 26.18
CA GLY A 178 14.95 -24.48 25.95
C GLY A 178 14.34 -23.54 24.90
N TRP A 179 13.82 -24.11 23.81
CA TRP A 179 13.24 -23.34 22.70
C TRP A 179 11.87 -22.79 23.07
N VAL A 180 10.95 -23.57 23.65
CA VAL A 180 9.65 -23.05 24.04
C VAL A 180 9.79 -21.96 25.13
N ARG A 181 10.76 -22.11 26.06
CA ARG A 181 11.10 -21.05 27.01
C ARG A 181 11.65 -19.82 26.28
N THR A 182 12.57 -20.00 25.31
CA THR A 182 13.12 -18.92 24.49
C THR A 182 12.01 -18.15 23.79
N ARG A 183 11.07 -18.82 23.14
CA ARG A 183 9.97 -18.14 22.46
C ARG A 183 9.11 -17.37 23.46
N TRP A 184 8.75 -17.94 24.61
CA TRP A 184 8.00 -17.20 25.60
C TRP A 184 8.78 -15.97 26.08
N ALA A 185 10.09 -16.08 26.27
CA ALA A 185 10.92 -14.95 26.65
C ALA A 185 10.91 -13.85 25.57
N LEU A 186 11.21 -14.18 24.31
CA LEU A 186 11.27 -13.19 23.24
C LEU A 186 9.91 -12.58 22.92
N LEU A 187 8.86 -13.40 22.84
CA LEU A 187 7.52 -12.89 22.52
C LEU A 187 6.90 -12.17 23.72
N LEU A 188 7.52 -12.22 24.93
CA LEU A 188 7.23 -11.27 25.99
C LEU A 188 8.10 -10.03 25.85
N LEU A 189 9.42 -10.19 25.65
CA LEU A 189 10.33 -9.05 25.55
C LEU A 189 9.92 -8.07 24.42
N PHE A 190 9.42 -8.59 23.30
CA PHE A 190 8.87 -7.77 22.22
C PHE A 190 7.66 -6.97 22.69
N TRP A 191 6.70 -7.62 23.36
CA TRP A 191 5.48 -6.96 23.80
C TRP A 191 5.77 -5.93 24.92
N LEU A 192 6.79 -6.19 25.76
CA LEU A 192 7.33 -5.21 26.69
C LEU A 192 8.04 -4.06 25.97
N GLY A 193 8.83 -4.35 24.94
CA GLY A 193 9.48 -3.33 24.12
C GLY A 193 8.46 -2.38 23.48
N TRP A 194 7.34 -2.90 22.98
CA TRP A 194 6.28 -2.11 22.39
C TRP A 194 5.64 -1.18 23.43
N LEU A 195 5.21 -1.66 24.60
CA LEU A 195 4.71 -0.71 25.61
C LEU A 195 5.84 0.25 26.10
N GLY A 196 7.12 -0.11 25.94
CA GLY A 196 8.25 0.82 26.06
C GLY A 196 8.27 1.94 25.02
N MET A 197 8.01 1.63 23.74
CA MET A 197 7.81 2.65 22.69
C MET A 197 6.70 3.62 23.13
N LEU A 198 5.57 3.07 23.60
CA LEU A 198 4.43 3.89 24.00
C LEU A 198 4.77 4.80 25.19
N ALA A 199 5.39 4.27 26.24
CA ALA A 199 5.81 5.10 27.37
C ALA A 199 6.79 6.21 26.93
N GLY A 200 7.78 5.86 26.08
CA GLY A 200 8.74 6.82 25.56
C GLY A 200 8.06 7.96 24.79
N ALA A 201 7.15 7.61 23.88
CA ALA A 201 6.43 8.61 23.11
C ALA A 201 5.60 9.49 24.05
N VAL A 202 4.83 8.90 24.99
CA VAL A 202 3.99 9.72 25.86
C VAL A 202 4.83 10.66 26.72
N VAL A 203 6.01 10.22 27.18
CA VAL A 203 6.93 11.10 27.88
C VAL A 203 7.32 12.28 26.99
N ILE A 204 7.73 12.05 25.72
CA ILE A 204 8.14 13.12 24.83
C ILE A 204 6.99 14.12 24.60
N ILE A 205 5.78 13.59 24.36
CA ILE A 205 4.62 14.44 24.11
C ILE A 205 4.29 15.32 25.33
N VAL A 206 4.45 14.81 26.55
CA VAL A 206 4.23 15.59 27.77
C VAL A 206 5.37 16.59 28.04
N ARG A 207 6.63 16.19 27.77
CA ARG A 207 7.81 17.02 28.00
C ARG A 207 7.95 18.16 26.98
N ALA A 208 7.48 17.97 25.73
CA ALA A 208 7.57 18.99 24.69
C ALA A 208 6.72 20.23 24.97
N PRO A 209 7.22 21.46 24.69
CA PRO A 209 6.47 22.70 24.97
C PRO A 209 5.37 22.96 23.95
N ARG A 210 4.12 23.16 24.41
CA ARG A 210 2.96 23.27 23.52
C ARG A 210 2.98 24.59 22.73
N CYS A 211 2.25 24.62 21.58
CA CYS A 211 2.20 25.74 20.65
C CYS A 211 1.82 27.09 21.31
N ARG A 212 2.30 28.19 20.70
CA ARG A 212 1.84 29.55 20.93
C ARG A 212 0.31 29.63 20.78
N GLU A 213 -0.37 30.41 21.63
CA GLU A 213 -1.78 30.73 21.39
C GLU A 213 -1.91 31.74 20.23
N LEU A 214 -2.88 31.49 19.31
CA LEU A 214 -3.26 32.48 18.29
C LEU A 214 -4.04 33.63 18.95
N VAL B 44 -0.41 -28.07 5.04
CA VAL B 44 -0.07 -26.73 5.61
C VAL B 44 0.07 -25.71 4.48
N THR B 45 -0.91 -24.79 4.39
CA THR B 45 -1.01 -23.75 3.36
C THR B 45 -1.73 -22.51 3.91
N LEU B 46 -1.63 -21.36 3.22
CA LEU B 46 -2.40 -20.18 3.60
C LEU B 46 -3.91 -20.42 3.41
N GLN B 47 -4.62 -20.38 4.56
CA GLN B 47 -6.02 -20.77 4.58
C GLN B 47 -6.87 -19.63 4.04
N ARG B 48 -7.81 -19.94 3.11
CA ARG B 48 -8.63 -18.92 2.43
C ARG B 48 -9.66 -18.31 3.40
N ASN B 49 -9.61 -16.97 3.58
CA ASN B 49 -10.34 -16.28 4.64
C ASN B 49 -10.96 -14.92 4.22
N ILE B 50 -10.62 -14.41 3.02
CA ILE B 50 -11.09 -13.10 2.61
C ILE B 50 -12.45 -13.23 1.89
N THR B 51 -13.50 -12.64 2.49
CA THR B 51 -14.84 -12.68 1.87
C THR B 51 -15.02 -11.61 0.79
N LEU B 52 -16.17 -11.51 0.13
CA LEU B 52 -16.50 -10.34 -0.69
C LEU B 52 -16.46 -9.05 0.13
N LEU B 53 -16.98 -9.08 1.36
CA LEU B 53 -17.11 -7.91 2.23
C LEU B 53 -15.73 -7.38 2.62
N ASN B 54 -14.84 -8.26 3.13
CA ASN B 54 -13.45 -7.91 3.45
C ASN B 54 -12.61 -7.66 2.20
N GLY B 55 -12.95 -8.27 1.09
CA GLY B 55 -12.36 -8.00 -0.20
C GLY B 55 -12.62 -6.60 -0.74
N VAL B 56 -13.80 -5.99 -0.51
CA VAL B 56 -13.94 -4.53 -0.75
C VAL B 56 -13.29 -3.70 0.36
N ALA B 57 -13.25 -4.17 1.60
CA ALA B 57 -12.51 -3.47 2.65
C ALA B 57 -11.01 -3.33 2.34
N ILE B 58 -10.34 -4.31 1.78
CA ILE B 58 -8.93 -4.18 1.41
C ILE B 58 -8.77 -3.14 0.32
N ILE B 59 -9.70 -3.06 -0.66
CA ILE B 59 -9.50 -2.11 -1.74
C ILE B 59 -9.97 -0.68 -1.34
N VAL B 60 -11.18 -0.48 -0.83
CA VAL B 60 -11.59 0.85 -0.42
C VAL B 60 -10.74 1.25 0.76
N GLY B 61 -10.28 0.29 1.56
CA GLY B 61 -9.25 0.53 2.57
C GLY B 61 -7.98 1.14 1.98
N THR B 62 -7.30 0.48 1.05
CA THR B 62 -5.99 0.97 0.62
C THR B 62 -6.10 2.23 -0.25
N ILE B 63 -7.18 2.40 -1.01
CA ILE B 63 -7.33 3.58 -1.86
C ILE B 63 -7.49 4.87 -1.04
N ILE B 64 -8.48 4.94 -0.17
CA ILE B 64 -8.96 6.21 0.33
C ILE B 64 -7.80 6.96 0.99
N GLY B 65 -7.15 6.34 2.01
CA GLY B 65 -5.85 6.74 2.55
C GLY B 65 -5.67 8.22 2.95
N SER B 66 -4.52 8.82 2.57
CA SER B 66 -4.22 10.23 2.76
C SER B 66 -4.54 11.09 1.52
N GLY B 67 -4.47 10.48 0.32
CA GLY B 67 -4.55 11.16 -0.97
C GLY B 67 -5.61 12.24 -1.02
N ILE B 68 -6.88 11.89 -0.79
CA ILE B 68 -8.00 12.81 -0.86
C ILE B 68 -7.91 13.93 0.17
N PHE B 69 -7.31 13.66 1.33
CA PHE B 69 -7.25 14.69 2.35
C PHE B 69 -6.06 15.68 2.24
N VAL B 70 -5.04 15.40 1.42
CA VAL B 70 -3.83 16.23 1.36
C VAL B 70 -3.34 16.49 -0.07
N THR B 71 -3.87 15.81 -1.11
CA THR B 71 -3.41 16.07 -2.49
C THR B 71 -4.38 16.87 -3.37
N PRO B 72 -5.63 17.24 -3.01
CA PRO B 72 -6.43 18.08 -3.90
C PRO B 72 -5.80 19.44 -4.23
N THR B 73 -5.15 20.12 -3.25
CA THR B 73 -4.33 21.29 -3.55
C THR B 73 -3.36 21.05 -4.73
N GLY B 74 -2.79 19.82 -4.80
CA GLY B 74 -1.86 19.39 -5.83
C GLY B 74 -2.46 19.26 -7.23
N VAL B 75 -3.80 19.24 -7.39
CA VAL B 75 -4.41 19.34 -8.72
C VAL B 75 -4.76 20.80 -9.06
N LEU B 76 -5.31 21.62 -8.14
CA LEU B 76 -5.56 23.04 -8.42
C LEU B 76 -4.26 23.73 -8.86
N LYS B 77 -3.11 23.41 -8.22
CA LYS B 77 -1.82 24.04 -8.52
C LYS B 77 -1.43 23.85 -9.99
N GLU B 78 -1.93 22.78 -10.65
CA GLU B 78 -1.66 22.55 -12.07
C GLU B 78 -2.84 22.95 -12.98
N ALA B 79 -4.07 22.60 -12.59
CA ALA B 79 -5.29 22.84 -13.36
C ALA B 79 -5.72 24.32 -13.41
N GLY B 80 -5.36 25.12 -12.39
CA GLY B 80 -5.67 26.54 -12.35
C GLY B 80 -7.09 26.88 -11.88
N SER B 81 -8.03 25.92 -11.79
CA SER B 81 -9.46 26.25 -11.64
C SER B 81 -10.27 25.14 -10.98
N PRO B 82 -11.31 25.44 -10.15
CA PRO B 82 -12.19 24.39 -9.61
C PRO B 82 -13.02 23.71 -10.71
N GLY B 83 -13.19 24.34 -11.87
CA GLY B 83 -13.85 23.74 -13.00
C GLY B 83 -13.10 22.53 -13.55
N LEU B 84 -11.86 22.73 -14.00
CA LEU B 84 -11.04 21.64 -14.50
C LEU B 84 -10.68 20.68 -13.36
N ALA B 85 -10.59 21.12 -12.11
CA ALA B 85 -10.35 20.22 -10.98
C ALA B 85 -11.44 19.15 -10.84
N LEU B 86 -12.71 19.53 -10.81
CA LEU B 86 -13.81 18.56 -10.77
C LEU B 86 -13.78 17.58 -11.97
N VAL B 87 -13.39 18.04 -13.16
CA VAL B 87 -13.20 17.17 -14.32
C VAL B 87 -12.05 16.21 -14.06
N VAL B 88 -10.89 16.69 -13.66
CA VAL B 88 -9.70 15.87 -13.42
C VAL B 88 -9.98 14.79 -12.38
N TRP B 89 -10.66 15.13 -11.29
CA TRP B 89 -11.03 14.14 -10.29
C TRP B 89 -12.04 13.10 -10.78
N ALA B 90 -12.88 13.41 -11.77
CA ALA B 90 -13.73 12.42 -12.40
C ALA B 90 -12.96 11.56 -13.42
N ALA B 91 -12.09 12.20 -14.22
CA ALA B 91 -11.33 11.54 -15.28
C ALA B 91 -10.40 10.46 -14.72
N CYS B 92 -9.79 10.69 -13.54
CA CYS B 92 -9.03 9.65 -12.85
C CYS B 92 -9.89 8.46 -12.49
N GLY B 93 -11.16 8.70 -12.14
CA GLY B 93 -12.10 7.67 -11.77
C GLY B 93 -12.37 6.67 -12.90
N VAL B 94 -12.84 7.15 -14.04
CA VAL B 94 -13.08 6.27 -15.17
C VAL B 94 -11.79 5.59 -15.60
N PHE B 95 -10.66 6.32 -15.70
CA PHE B 95 -9.38 5.69 -16.04
C PHE B 95 -8.96 4.57 -15.06
N SER B 96 -9.20 4.76 -13.76
CA SER B 96 -9.02 3.71 -12.76
C SER B 96 -9.96 2.53 -12.97
N ILE B 97 -11.25 2.78 -13.23
CA ILE B 97 -12.23 1.71 -13.43
C ILE B 97 -11.83 0.87 -14.64
N VAL B 98 -11.51 1.48 -15.80
CA VAL B 98 -11.07 0.65 -16.93
C VAL B 98 -9.81 -0.15 -16.60
N GLY B 99 -8.83 0.46 -15.93
CA GLY B 99 -7.62 -0.24 -15.48
C GLY B 99 -7.94 -1.43 -14.57
N ALA B 100 -8.74 -1.21 -13.52
CA ALA B 100 -9.06 -2.22 -12.52
C ALA B 100 -9.92 -3.35 -13.09
N LEU B 101 -10.84 -3.04 -14.04
CA LEU B 101 -11.59 -4.09 -14.72
C LEU B 101 -10.66 -4.85 -15.67
N CYS B 102 -9.72 -4.15 -16.34
CA CYS B 102 -8.67 -4.88 -17.07
C CYS B 102 -7.86 -5.78 -16.12
N TYR B 103 -7.71 -5.39 -14.85
CA TYR B 103 -7.16 -6.25 -13.80
C TYR B 103 -8.07 -7.40 -13.33
N ALA B 104 -9.37 -7.42 -13.64
CA ALA B 104 -10.19 -8.61 -13.42
C ALA B 104 -9.79 -9.76 -14.39
N GLU B 105 -9.28 -9.45 -15.60
CA GLU B 105 -8.69 -10.46 -16.47
C GLU B 105 -7.48 -11.12 -15.79
N LEU B 106 -6.44 -10.34 -15.47
CA LEU B 106 -5.28 -10.92 -14.81
C LEU B 106 -5.65 -11.57 -13.47
N GLY B 107 -6.56 -10.95 -12.74
CA GLY B 107 -7.03 -11.49 -11.48
C GLY B 107 -7.60 -12.90 -11.58
N THR B 108 -8.45 -13.16 -12.59
CA THR B 108 -9.17 -14.41 -12.72
C THR B 108 -8.38 -15.45 -13.51
N THR B 109 -7.63 -15.02 -14.54
CA THR B 109 -6.85 -15.93 -15.36
C THR B 109 -5.61 -16.53 -14.67
N ILE B 110 -5.09 -15.88 -13.63
CA ILE B 110 -3.93 -16.39 -12.92
C ILE B 110 -4.19 -16.27 -11.41
N SER B 111 -4.62 -17.35 -10.75
CA SER B 111 -4.98 -17.35 -9.33
C SER B 111 -3.79 -17.15 -8.36
N LYS B 112 -2.54 -17.30 -8.83
CA LYS B 112 -1.33 -17.41 -8.02
C LYS B 112 -1.03 -16.25 -7.06
N SER B 113 -1.67 -15.09 -7.26
CA SER B 113 -1.70 -13.94 -6.34
C SER B 113 -0.34 -13.33 -5.93
N GLY B 114 0.68 -13.38 -6.78
CA GLY B 114 1.75 -12.38 -6.67
C GLY B 114 1.35 -11.00 -7.20
N GLY B 115 0.09 -10.73 -7.47
CA GLY B 115 -0.39 -9.51 -8.11
C GLY B 115 0.43 -9.16 -9.34
N ASP B 116 0.74 -7.87 -9.46
CA ASP B 116 1.53 -7.33 -10.55
C ASP B 116 2.79 -8.16 -10.82
N TYR B 117 3.40 -8.80 -9.80
CA TYR B 117 4.66 -9.55 -9.93
C TYR B 117 4.39 -10.95 -10.50
N ALA B 118 3.35 -11.63 -10.06
CA ALA B 118 3.04 -12.93 -10.63
C ALA B 118 2.67 -12.80 -12.10
N TYR B 119 1.80 -11.83 -12.44
CA TYR B 119 1.38 -11.60 -13.81
C TYR B 119 2.55 -11.23 -14.73
N MET B 120 3.55 -10.56 -14.16
CA MET B 120 4.76 -10.24 -14.86
C MET B 120 5.60 -11.51 -15.06
N LEU B 121 5.85 -12.31 -14.02
CA LEU B 121 6.63 -13.53 -14.12
C LEU B 121 6.03 -14.51 -15.15
N GLU B 122 4.71 -14.68 -15.12
CA GLU B 122 3.97 -15.54 -16.04
C GLU B 122 4.18 -15.21 -17.52
N VAL B 123 4.53 -13.94 -17.84
CA VAL B 123 4.64 -13.45 -19.21
C VAL B 123 6.11 -13.19 -19.59
N TYR B 124 6.81 -12.36 -18.80
CA TYR B 124 8.14 -11.85 -19.17
C TYR B 124 9.27 -12.69 -18.55
N GLY B 125 8.95 -13.64 -17.67
CA GLY B 125 9.96 -14.52 -17.12
C GLY B 125 10.78 -13.91 -15.99
N SER B 126 11.79 -14.66 -15.55
CA SER B 126 12.35 -14.53 -14.21
C SER B 126 13.06 -13.20 -14.01
N LEU B 127 14.01 -12.79 -14.86
CA LEU B 127 14.77 -11.56 -14.57
C LEU B 127 13.90 -10.30 -14.61
N PRO B 128 13.07 -10.03 -15.65
CA PRO B 128 12.12 -8.91 -15.61
C PRO B 128 11.25 -8.84 -14.37
N ALA B 129 10.68 -9.97 -13.95
CA ALA B 129 9.88 -10.02 -12.72
C ALA B 129 10.75 -9.80 -11.48
N PHE B 130 11.98 -10.29 -11.46
CA PHE B 130 12.83 -10.14 -10.28
C PHE B 130 13.24 -8.68 -10.04
N LEU B 131 13.58 -7.91 -11.09
CA LEU B 131 13.92 -6.52 -10.86
C LEU B 131 12.75 -5.79 -10.23
N LYS B 132 11.49 -6.07 -10.65
CA LYS B 132 10.33 -5.55 -9.95
C LYS B 132 10.32 -5.97 -8.49
N LEU B 133 10.43 -7.27 -8.22
CA LEU B 133 10.33 -7.74 -6.85
C LEU B 133 11.43 -7.16 -5.96
N TRP B 134 12.63 -6.94 -6.50
CA TRP B 134 13.69 -6.24 -5.81
C TRP B 134 13.29 -4.79 -5.48
N ILE B 135 12.75 -4.06 -6.44
CA ILE B 135 12.28 -2.70 -6.22
C ILE B 135 11.16 -2.68 -5.17
N GLU B 136 10.22 -3.63 -5.22
CA GLU B 136 9.13 -3.74 -4.26
C GLU B 136 9.69 -3.96 -2.87
N LEU B 137 10.66 -4.87 -2.77
CA LEU B 137 11.27 -5.30 -1.52
C LEU B 137 12.05 -4.18 -0.87
N LEU B 138 12.81 -3.44 -1.68
CA LEU B 138 13.84 -2.55 -1.18
C LEU B 138 13.31 -1.13 -0.97
N ILE B 139 12.49 -0.63 -1.89
CA ILE B 139 12.10 0.77 -1.89
C ILE B 139 10.59 0.89 -1.71
N ILE B 140 9.81 0.46 -2.71
CA ILE B 140 8.47 1.00 -2.89
C ILE B 140 7.57 0.58 -1.72
N ARG B 141 7.58 -0.70 -1.39
CA ARG B 141 6.60 -1.18 -0.44
C ARG B 141 7.01 -0.76 0.99
N PRO B 142 8.27 -0.86 1.48
CA PRO B 142 8.65 -0.27 2.77
C PRO B 142 8.45 1.25 2.87
N SER B 143 8.89 2.04 1.87
CA SER B 143 8.72 3.49 1.95
C SER B 143 7.23 3.87 1.90
N SER B 144 6.40 3.25 1.07
CA SER B 144 4.97 3.48 1.04
C SER B 144 4.31 3.20 2.40
N GLN B 145 4.73 2.17 3.13
CA GLN B 145 4.23 1.94 4.47
C GLN B 145 4.74 3.03 5.40
N TYR B 146 6.04 3.34 5.35
CA TYR B 146 6.62 4.25 6.32
C TYR B 146 6.05 5.66 6.18
N ILE B 147 5.99 6.27 4.99
CA ILE B 147 5.48 7.61 4.90
C ILE B 147 4.02 7.67 5.33
N VAL B 148 3.23 6.61 5.15
CA VAL B 148 1.87 6.56 5.66
C VAL B 148 1.88 6.39 7.17
N ALA B 149 2.83 5.69 7.76
CA ALA B 149 2.97 5.64 9.22
C ALA B 149 3.29 7.01 9.80
N LEU B 150 4.13 7.79 9.10
CA LEU B 150 4.47 9.15 9.52
C LEU B 150 3.24 10.05 9.38
N VAL B 151 2.53 9.96 8.25
CA VAL B 151 1.30 10.70 8.05
C VAL B 151 0.19 10.27 9.02
N PHE B 152 0.22 9.05 9.50
CA PHE B 152 -0.64 8.65 10.61
C PHE B 152 -0.28 9.50 11.84
N ALA B 153 1.00 9.61 12.15
CA ALA B 153 1.42 10.33 13.33
C ALA B 153 1.10 11.82 13.22
N THR B 154 1.51 12.50 12.15
CA THR B 154 1.41 13.94 12.18
C THR B 154 -0.04 14.41 12.25
N TYR B 155 -1.00 13.63 11.79
CA TYR B 155 -2.41 14.01 11.87
C TYR B 155 -3.05 13.51 13.17
N LEU B 156 -2.66 12.33 13.70
CA LEU B 156 -3.21 11.86 14.96
C LEU B 156 -2.77 12.78 16.10
N LEU B 157 -1.55 13.35 16.00
CA LEU B 157 -1.06 14.18 17.09
C LEU B 157 -1.58 15.62 16.97
N LYS B 158 -2.06 16.05 15.81
CA LYS B 158 -2.43 17.46 15.55
C LYS B 158 -3.46 18.05 16.53
N PRO B 159 -4.49 17.35 17.02
CA PRO B 159 -5.32 17.86 18.12
C PRO B 159 -4.59 18.37 19.35
N LEU B 160 -3.38 17.85 19.63
CA LEU B 160 -2.54 18.27 20.76
C LEU B 160 -1.50 19.31 20.36
N PHE B 161 -1.36 19.59 19.04
CA PHE B 161 -0.41 20.55 18.50
C PHE B 161 -1.09 21.39 17.42
N PRO B 162 -2.01 22.31 17.82
CA PRO B 162 -2.95 22.88 16.87
C PRO B 162 -2.37 23.91 15.90
N THR B 163 -1.16 24.47 16.16
CA THR B 163 -0.70 25.57 15.32
C THR B 163 0.83 25.60 15.13
N CYS B 164 1.47 24.45 15.29
CA CYS B 164 2.92 24.33 15.17
C CYS B 164 3.30 22.89 14.85
N PRO B 165 4.52 22.62 14.33
CA PRO B 165 4.96 21.26 14.07
C PRO B 165 4.91 20.37 15.32
N VAL B 166 4.47 19.12 15.12
CA VAL B 166 4.53 18.08 16.15
C VAL B 166 5.99 17.72 16.44
N PRO B 167 6.32 17.31 17.69
CA PRO B 167 7.72 17.02 18.06
C PRO B 167 8.21 15.86 17.23
N GLU B 168 9.27 16.09 16.44
CA GLU B 168 9.65 15.17 15.37
C GLU B 168 9.95 13.75 15.87
N GLU B 169 10.66 13.63 17.00
CA GLU B 169 10.92 12.33 17.60
C GLU B 169 9.62 11.62 18.02
N ALA B 170 8.66 12.33 18.61
CA ALA B 170 7.36 11.72 18.93
C ALA B 170 6.67 11.20 17.67
N ALA B 171 6.72 11.97 16.58
CA ALA B 171 6.13 11.51 15.34
C ALA B 171 6.80 10.21 14.88
N LYS B 172 8.13 10.10 14.90
CA LYS B 172 8.77 8.84 14.52
C LYS B 172 8.43 7.69 15.49
N LEU B 173 8.29 7.91 16.79
CA LEU B 173 7.90 6.83 17.68
C LEU B 173 6.47 6.37 17.37
N VAL B 174 5.52 7.29 17.22
CA VAL B 174 4.15 6.91 16.95
C VAL B 174 4.04 6.23 15.60
N ALA B 175 4.81 6.63 14.59
CA ALA B 175 4.89 5.90 13.34
C ALA B 175 5.26 4.43 13.58
N CYS B 176 6.30 4.18 14.35
CA CYS B 176 6.77 2.81 14.54
C CYS B 176 5.79 1.99 15.37
N LEU B 177 5.13 2.60 16.37
CA LEU B 177 4.12 1.93 17.16
C LEU B 177 2.99 1.41 16.29
N CYS B 178 2.61 2.15 15.27
CA CYS B 178 1.59 1.72 14.34
C CYS B 178 2.08 0.53 13.53
N VAL B 179 3.22 0.64 12.83
CA VAL B 179 3.67 -0.49 12.02
C VAL B 179 3.86 -1.77 12.88
N LEU B 180 4.40 -1.67 14.10
CA LEU B 180 4.56 -2.84 14.95
C LEU B 180 3.20 -3.40 15.37
N LEU B 181 2.30 -2.61 15.93
CA LEU B 181 1.00 -3.11 16.35
C LEU B 181 0.28 -3.77 15.18
N LEU B 182 0.25 -3.19 14.01
CA LEU B 182 -0.38 -3.85 12.89
C LEU B 182 0.40 -5.08 12.41
N THR B 183 1.72 -5.18 12.63
CA THR B 183 2.38 -6.42 12.31
C THR B 183 1.91 -7.53 13.26
N ALA B 184 1.81 -7.27 14.57
CA ALA B 184 1.29 -8.24 15.51
C ALA B 184 -0.16 -8.62 15.19
N VAL B 185 -1.04 -7.65 14.97
CA VAL B 185 -2.42 -7.89 14.57
C VAL B 185 -2.54 -8.67 13.26
N ASN B 186 -1.51 -8.67 12.38
CA ASN B 186 -1.44 -9.53 11.21
C ASN B 186 -0.89 -10.93 11.53
N CYS B 187 -0.02 -11.07 12.54
CA CYS B 187 0.49 -12.41 12.89
C CYS B 187 -0.56 -13.29 13.55
N TYR B 188 -1.33 -12.76 14.50
CA TYR B 188 -2.12 -13.59 15.41
C TYR B 188 -3.49 -13.93 14.84
N SER B 189 -3.95 -13.32 13.74
CA SER B 189 -5.11 -13.84 13.04
C SER B 189 -5.39 -13.09 11.74
N VAL B 190 -5.44 -13.81 10.60
CA VAL B 190 -5.91 -13.19 9.36
C VAL B 190 -7.36 -12.66 9.47
N LYS B 191 -8.22 -13.37 10.21
CA LYS B 191 -9.58 -12.93 10.44
C LYS B 191 -9.60 -11.66 11.28
N ALA B 192 -8.69 -11.52 12.28
CA ALA B 192 -8.55 -10.25 12.97
C ALA B 192 -8.07 -9.14 12.02
N ALA B 193 -6.99 -9.37 11.28
CA ALA B 193 -6.43 -8.36 10.38
C ALA B 193 -7.46 -7.82 9.41
N THR B 194 -8.31 -8.70 8.86
CA THR B 194 -9.35 -8.27 7.93
C THR B 194 -10.55 -7.64 8.64
N ARG B 195 -10.85 -8.03 9.89
CA ARG B 195 -11.80 -7.28 10.72
C ARG B 195 -11.29 -5.85 11.08
N VAL B 196 -9.99 -5.70 11.28
CA VAL B 196 -9.35 -4.40 11.35
C VAL B 196 -9.45 -3.61 10.03
N GLN B 197 -9.20 -4.25 8.90
CA GLN B 197 -9.43 -3.61 7.60
C GLN B 197 -10.88 -3.12 7.42
N ASP B 198 -11.88 -3.92 7.82
CA ASP B 198 -13.29 -3.55 7.85
C ASP B 198 -13.53 -2.31 8.73
N ALA B 199 -13.00 -2.34 9.97
CA ALA B 199 -13.16 -1.24 10.89
C ALA B 199 -12.66 0.09 10.29
N PHE B 200 -11.47 0.10 9.70
CA PHE B 200 -10.90 1.32 9.15
C PHE B 200 -11.47 1.69 7.79
N ALA B 201 -11.98 0.72 7.00
CA ALA B 201 -12.78 1.03 5.82
C ALA B 201 -14.08 1.76 6.21
N ALA B 202 -14.72 1.37 7.31
CA ALA B 202 -15.83 2.12 7.86
C ALA B 202 -15.38 3.52 8.29
N ALA B 203 -14.26 3.64 9.02
CA ALA B 203 -13.72 4.94 9.47
C ALA B 203 -13.49 5.91 8.31
N LYS B 204 -12.93 5.41 7.22
CA LYS B 204 -12.76 6.17 5.98
C LYS B 204 -14.08 6.70 5.45
N LEU B 205 -15.07 5.83 5.28
CA LEU B 205 -16.32 6.25 4.69
C LEU B 205 -17.15 7.11 5.66
N LEU B 206 -17.03 6.94 6.99
CA LEU B 206 -17.54 7.93 7.93
C LEU B 206 -16.92 9.32 7.70
N ALA B 207 -15.59 9.41 7.55
CA ALA B 207 -14.90 10.67 7.36
C ALA B 207 -15.41 11.41 6.13
N LEU B 208 -15.42 10.74 4.99
CA LEU B 208 -15.86 11.36 3.77
C LEU B 208 -17.37 11.62 3.77
N ALA B 209 -18.20 10.81 4.44
CA ALA B 209 -19.60 11.14 4.64
C ALA B 209 -19.76 12.45 5.42
N LEU B 210 -18.96 12.64 6.47
CA LEU B 210 -19.03 13.85 7.27
C LEU B 210 -18.60 15.07 6.47
N ILE B 211 -17.54 14.96 5.67
CA ILE B 211 -17.15 16.01 4.75
C ILE B 211 -18.29 16.34 3.76
N ILE B 212 -18.87 15.33 3.13
CA ILE B 212 -19.85 15.54 2.06
C ILE B 212 -21.14 16.14 2.62
N LEU B 213 -21.65 15.67 3.78
CA LEU B 213 -22.90 16.21 4.30
C LEU B 213 -22.71 17.68 4.73
N LEU B 214 -21.54 18.05 5.29
CA LEU B 214 -21.23 19.46 5.50
C LEU B 214 -21.20 20.23 4.17
N GLY B 215 -20.65 19.61 3.09
CA GLY B 215 -20.73 20.17 1.74
C GLY B 215 -22.16 20.54 1.32
N PHE B 216 -23.12 19.62 1.48
CA PHE B 216 -24.51 19.88 1.10
C PHE B 216 -25.25 20.79 2.09
N VAL B 217 -24.89 20.81 3.39
CA VAL B 217 -25.37 21.84 4.33
C VAL B 217 -24.89 23.23 3.91
N GLN B 218 -23.61 23.37 3.53
CA GLN B 218 -23.05 24.62 3.04
C GLN B 218 -23.75 25.09 1.75
N ILE B 219 -24.01 24.17 0.80
CA ILE B 219 -24.80 24.45 -0.40
C ILE B 219 -26.21 24.94 0.00
N GLY B 220 -26.83 24.35 1.03
CA GLY B 220 -28.14 24.75 1.54
C GLY B 220 -28.27 26.22 1.96
N LYS B 221 -27.17 26.86 2.38
CA LYS B 221 -27.13 28.29 2.72
C LYS B 221 -26.97 29.20 1.49
N GLY B 222 -26.65 28.66 0.31
CA GLY B 222 -26.56 29.43 -0.94
C GLY B 222 -25.50 30.54 -0.92
N PHE B 233 -17.55 26.78 -11.65
CA PHE B 233 -16.52 26.78 -12.72
C PHE B 233 -15.86 28.17 -12.82
N GLU B 234 -14.59 28.21 -13.25
CA GLU B 234 -13.83 29.45 -13.43
C GLU B 234 -12.75 29.33 -14.51
N GLY B 235 -12.16 30.49 -14.90
CA GLY B 235 -11.13 30.59 -15.93
C GLY B 235 -10.02 29.57 -15.80
N THR B 236 -9.69 28.88 -16.91
CA THR B 236 -9.07 27.56 -16.93
C THR B 236 -7.97 27.47 -18.02
N LYS B 237 -6.88 26.72 -17.78
CA LYS B 237 -5.88 26.41 -18.80
C LYS B 237 -6.33 25.29 -19.75
N LEU B 238 -5.81 25.30 -21.00
CA LEU B 238 -5.98 24.21 -21.97
C LEU B 238 -4.66 23.50 -22.33
N ASP B 239 -3.54 23.89 -21.70
CA ASP B 239 -2.21 23.39 -22.03
C ASP B 239 -2.03 21.93 -21.60
N VAL B 240 -1.83 21.03 -22.57
CA VAL B 240 -1.63 19.60 -22.30
C VAL B 240 -0.45 19.37 -21.34
N GLY B 241 0.62 20.18 -21.45
CA GLY B 241 1.76 20.11 -20.54
C GLY B 241 1.42 20.36 -19.06
N ASN B 242 0.29 21.04 -18.76
CA ASN B 242 -0.30 21.10 -17.44
C ASN B 242 -1.35 20.01 -17.25
N ILE B 243 -2.17 19.68 -18.25
CA ILE B 243 -3.27 18.72 -18.06
C ILE B 243 -2.72 17.34 -17.64
N VAL B 244 -1.63 16.84 -18.26
CA VAL B 244 -1.06 15.56 -17.80
C VAL B 244 -0.60 15.64 -16.34
N LEU B 245 -0.06 16.77 -15.88
CA LEU B 245 0.39 16.92 -14.50
C LEU B 245 -0.79 17.07 -13.53
N ALA B 246 -1.85 17.77 -13.96
CA ALA B 246 -3.09 17.88 -13.20
C ALA B 246 -3.71 16.51 -12.99
N LEU B 247 -3.80 15.74 -14.08
CA LEU B 247 -4.39 14.41 -14.04
C LEU B 247 -3.47 13.44 -13.27
N TYR B 248 -2.16 13.41 -13.54
CA TYR B 248 -1.20 12.56 -12.83
C TYR B 248 -1.21 12.80 -11.33
N SER B 249 -1.40 14.04 -10.91
CA SER B 249 -1.54 14.35 -9.48
C SER B 249 -2.81 13.71 -8.86
N GLY B 250 -3.86 13.46 -9.64
CA GLY B 250 -5.02 12.73 -9.17
C GLY B 250 -4.80 11.21 -9.05
N LEU B 251 -3.97 10.61 -9.92
CA LEU B 251 -3.75 9.17 -9.93
C LEU B 251 -3.10 8.68 -8.64
N PHE B 252 -2.41 9.56 -7.88
CA PHE B 252 -1.93 9.22 -6.54
C PHE B 252 -3.11 8.91 -5.60
N ALA B 253 -4.18 9.70 -5.69
CA ALA B 253 -5.31 9.53 -4.78
C ALA B 253 -6.03 8.21 -5.09
N TYR B 254 -6.39 7.96 -6.32
CA TYR B 254 -7.03 6.70 -6.66
C TYR B 254 -6.10 5.49 -6.60
N GLY B 255 -4.77 5.64 -6.65
CA GLY B 255 -3.83 4.52 -6.67
C GLY B 255 -4.05 3.55 -5.49
N GLY B 256 -3.90 2.24 -5.77
CA GLY B 256 -4.18 1.19 -4.81
C GLY B 256 -5.25 0.21 -5.27
N TRP B 257 -6.04 0.50 -6.31
CA TRP B 257 -6.99 -0.46 -6.88
C TRP B 257 -6.29 -1.78 -7.27
N ASN B 258 -4.97 -1.71 -7.61
CA ASN B 258 -4.17 -2.88 -7.97
C ASN B 258 -3.79 -3.79 -6.80
N TYR B 259 -4.14 -3.45 -5.56
CA TYR B 259 -3.74 -4.20 -4.37
C TYR B 259 -4.43 -5.54 -4.15
N LEU B 260 -5.75 -5.66 -4.41
CA LEU B 260 -6.45 -6.88 -4.05
C LEU B 260 -5.83 -8.14 -4.70
N ASN B 261 -5.29 -7.95 -5.89
CA ASN B 261 -4.61 -8.98 -6.68
C ASN B 261 -3.42 -9.67 -5.99
N PHE B 262 -2.71 -9.01 -5.10
CA PHE B 262 -1.65 -9.68 -4.33
C PHE B 262 -2.16 -10.66 -3.26
N VAL B 263 -3.48 -10.73 -2.98
CA VAL B 263 -3.96 -11.66 -1.97
C VAL B 263 -5.01 -12.64 -2.51
N THR B 264 -5.23 -12.70 -3.84
CA THR B 264 -6.21 -13.56 -4.48
C THR B 264 -6.21 -15.01 -3.96
N GLU B 265 -5.04 -15.59 -3.67
CA GLU B 265 -4.91 -17.00 -3.28
C GLU B 265 -5.55 -17.22 -1.90
N GLU B 266 -5.70 -16.19 -1.05
CA GLU B 266 -6.43 -16.27 0.21
C GLU B 266 -7.91 -15.89 0.12
N MET B 267 -8.38 -15.44 -1.06
CA MET B 267 -9.76 -15.04 -1.22
C MET B 267 -10.65 -16.27 -1.51
N ILE B 268 -11.85 -16.33 -0.90
CA ILE B 268 -12.58 -17.60 -0.73
C ILE B 268 -13.23 -18.13 -2.02
N ASN B 269 -13.72 -17.26 -2.92
CA ASN B 269 -14.28 -17.67 -4.21
C ASN B 269 -13.85 -16.65 -5.27
N PRO B 270 -12.59 -16.72 -5.77
CA PRO B 270 -11.97 -15.59 -6.47
C PRO B 270 -12.70 -15.22 -7.76
N TYR B 271 -13.18 -16.21 -8.54
CA TYR B 271 -13.72 -15.88 -9.85
C TYR B 271 -15.04 -15.07 -9.77
N ARG B 272 -15.79 -15.15 -8.65
CA ARG B 272 -16.83 -14.17 -8.33
C ARG B 272 -16.26 -12.99 -7.53
N ASN B 273 -15.62 -13.26 -6.40
CA ASN B 273 -15.32 -12.29 -5.36
C ASN B 273 -14.32 -11.21 -5.81
N LEU B 274 -13.31 -11.56 -6.61
CA LEU B 274 -12.34 -10.57 -7.08
C LEU B 274 -12.99 -9.61 -8.09
N PRO B 275 -13.51 -10.03 -9.27
CA PRO B 275 -14.24 -9.13 -10.16
C PRO B 275 -15.37 -8.35 -9.48
N LEU B 276 -16.13 -8.95 -8.58
CA LEU B 276 -17.26 -8.25 -7.96
C LEU B 276 -16.78 -7.25 -6.92
N ALA B 277 -15.67 -7.50 -6.21
CA ALA B 277 -15.15 -6.52 -5.26
C ALA B 277 -14.70 -5.23 -5.95
N ILE B 278 -13.99 -5.37 -7.07
CA ILE B 278 -13.53 -4.20 -7.79
C ILE B 278 -14.71 -3.32 -8.25
N ILE B 279 -15.69 -3.85 -8.97
CA ILE B 279 -16.77 -3.01 -9.48
C ILE B 279 -17.73 -2.54 -8.35
N ILE B 280 -17.75 -3.17 -7.14
CA ILE B 280 -18.51 -2.65 -6.00
C ILE B 280 -17.83 -1.41 -5.47
N SER B 281 -16.51 -1.50 -5.29
CA SER B 281 -15.72 -0.47 -4.62
C SER B 281 -15.47 0.75 -5.51
N LEU B 282 -14.97 0.54 -6.72
CA LEU B 282 -14.30 1.61 -7.43
C LEU B 282 -15.25 2.73 -7.89
N PRO B 283 -16.49 2.46 -8.32
CA PRO B 283 -17.54 3.48 -8.36
C PRO B 283 -17.83 4.21 -7.05
N ILE B 284 -17.86 3.53 -5.86
CA ILE B 284 -18.17 4.29 -4.64
C ILE B 284 -16.99 5.16 -4.21
N VAL B 285 -15.76 4.69 -4.43
CA VAL B 285 -14.56 5.52 -4.34
C VAL B 285 -14.73 6.76 -5.23
N THR B 286 -14.99 6.58 -6.52
CA THR B 286 -15.11 7.70 -7.44
C THR B 286 -16.19 8.70 -6.99
N LEU B 287 -17.38 8.21 -6.60
CA LEU B 287 -18.45 9.08 -6.12
C LEU B 287 -18.01 9.89 -4.89
N VAL B 288 -17.52 9.26 -3.80
CA VAL B 288 -17.17 10.03 -2.61
C VAL B 288 -15.98 10.94 -2.90
N TYR B 289 -15.10 10.58 -3.83
CA TYR B 289 -14.01 11.46 -4.24
C TYR B 289 -14.54 12.72 -4.92
N VAL B 290 -15.34 12.61 -5.99
CA VAL B 290 -15.74 13.84 -6.68
C VAL B 290 -16.67 14.66 -5.79
N LEU B 291 -17.51 14.03 -4.96
CA LEU B 291 -18.33 14.78 -4.01
C LEU B 291 -17.50 15.41 -2.87
N THR B 292 -16.43 14.77 -2.44
CA THR B 292 -15.52 15.41 -1.49
C THR B 292 -14.82 16.57 -2.17
N ASN B 293 -14.30 16.38 -3.39
CA ASN B 293 -13.62 17.44 -4.12
C ASN B 293 -14.56 18.64 -4.36
N LEU B 294 -15.84 18.37 -4.67
CA LEU B 294 -16.88 19.41 -4.71
C LEU B 294 -17.05 20.07 -3.34
N ALA B 295 -17.23 19.30 -2.27
CA ALA B 295 -17.46 19.82 -0.93
C ALA B 295 -16.37 20.84 -0.52
N TYR B 296 -15.09 20.59 -0.77
CA TYR B 296 -14.04 21.58 -0.53
C TYR B 296 -14.32 22.90 -1.23
N PHE B 297 -14.65 22.90 -2.53
CA PHE B 297 -14.98 24.14 -3.22
C PHE B 297 -16.25 24.86 -2.72
N THR B 298 -17.14 24.21 -1.96
CA THR B 298 -18.28 24.90 -1.35
C THR B 298 -17.84 25.78 -0.18
N THR B 299 -16.64 25.53 0.38
CA THR B 299 -16.20 26.16 1.63
C THR B 299 -14.94 27.01 1.45
N LEU B 300 -14.00 26.54 0.63
CA LEU B 300 -12.67 27.15 0.53
C LEU B 300 -12.58 28.01 -0.73
N SER B 301 -11.99 29.20 -0.56
CA SER B 301 -11.56 30.05 -1.67
C SER B 301 -10.46 29.37 -2.49
N THR B 302 -10.47 29.49 -3.81
CA THR B 302 -9.47 28.89 -4.69
C THR B 302 -8.04 29.25 -4.26
N GLU B 303 -7.82 30.53 -3.90
CA GLU B 303 -6.52 31.02 -3.48
C GLU B 303 -6.08 30.37 -2.15
N GLN B 304 -7.05 30.08 -1.26
CA GLN B 304 -6.78 29.39 0.00
C GLN B 304 -6.26 27.97 -0.27
N MET B 305 -6.97 27.20 -1.09
CA MET B 305 -6.57 25.83 -1.42
C MET B 305 -5.20 25.78 -2.11
N LEU B 306 -4.88 26.73 -3.01
CA LEU B 306 -3.56 26.79 -3.63
C LEU B 306 -2.43 26.92 -2.60
N SER B 307 -2.70 27.48 -1.41
CA SER B 307 -1.72 27.63 -0.33
C SER B 307 -1.70 26.47 0.66
N SER B 308 -2.82 25.75 0.79
CA SER B 308 -3.17 24.96 1.97
C SER B 308 -2.18 23.82 2.23
N GLU B 309 -1.64 23.76 3.46
CA GLU B 309 -0.74 22.69 3.87
C GLU B 309 -1.49 21.37 4.02
N ALA B 310 -2.79 21.43 4.40
CA ALA B 310 -3.55 20.27 4.88
C ALA B 310 -5.06 20.45 4.69
N VAL B 311 -5.56 20.38 3.45
CA VAL B 311 -6.88 20.88 3.01
C VAL B 311 -8.05 20.42 3.89
N ALA B 312 -8.08 19.16 4.30
CA ALA B 312 -9.11 18.64 5.18
C ALA B 312 -9.10 19.30 6.56
N VAL B 313 -7.95 19.71 7.09
CA VAL B 313 -7.84 20.40 8.36
C VAL B 313 -8.49 21.78 8.23
N ASP B 314 -8.28 22.51 7.11
CA ASP B 314 -8.92 23.78 6.86
C ASP B 314 -10.44 23.63 6.83
N PHE B 315 -10.94 22.65 6.08
CA PHE B 315 -12.37 22.39 6.00
C PHE B 315 -12.95 22.06 7.39
N GLY B 316 -12.25 21.28 8.19
CA GLY B 316 -12.67 20.95 9.55
C GLY B 316 -12.69 22.17 10.47
N ASN B 317 -11.63 22.98 10.44
CA ASN B 317 -11.53 24.18 11.26
C ASN B 317 -12.58 25.23 10.87
N TYR B 318 -12.95 25.31 9.59
CA TYR B 318 -13.95 26.27 9.14
C TYR B 318 -15.34 25.96 9.74
N HIS B 319 -15.78 24.70 9.65
CA HIS B 319 -17.14 24.33 10.04
C HIS B 319 -17.32 23.92 11.51
N LEU B 320 -16.33 23.23 12.09
CA LEU B 320 -16.57 22.49 13.33
C LEU B 320 -15.80 23.07 14.53
N GLY B 321 -15.48 24.37 14.53
CA GLY B 321 -14.41 24.99 15.32
C GLY B 321 -14.29 24.63 16.80
N VAL B 322 -15.39 24.27 17.48
CA VAL B 322 -15.37 23.84 18.88
C VAL B 322 -14.69 22.48 19.02
N MET B 323 -14.93 21.58 18.04
CA MET B 323 -14.49 20.18 18.07
C MET B 323 -13.82 19.75 16.75
N SER B 324 -13.19 20.68 16.02
CA SER B 324 -12.70 20.44 14.67
C SER B 324 -11.62 19.36 14.61
N TRP B 325 -10.93 19.12 15.74
CA TRP B 325 -9.96 18.03 15.90
C TRP B 325 -10.45 16.65 15.41
N ILE B 326 -11.76 16.44 15.35
CA ILE B 326 -12.35 15.26 14.73
C ILE B 326 -11.73 15.01 13.36
N ILE B 327 -11.57 16.02 12.48
CA ILE B 327 -11.14 15.74 11.12
C ILE B 327 -9.67 15.31 11.07
N PRO B 328 -8.71 15.99 11.71
CA PRO B 328 -7.39 15.40 11.92
C PRO B 328 -7.41 13.95 12.41
N VAL B 329 -8.26 13.60 13.41
CA VAL B 329 -8.33 12.23 13.90
C VAL B 329 -8.82 11.27 12.79
N PHE B 330 -9.86 11.62 12.04
CA PHE B 330 -10.32 10.78 10.94
C PHE B 330 -9.24 10.58 9.85
N VAL B 331 -8.50 11.62 9.45
CA VAL B 331 -7.41 11.44 8.49
C VAL B 331 -6.27 10.58 9.08
N GLY B 332 -5.98 10.74 10.36
CA GLY B 332 -5.07 9.83 11.02
C GLY B 332 -5.54 8.39 10.94
N LEU B 333 -6.76 8.09 11.42
CA LEU B 333 -7.28 6.73 11.42
C LEU B 333 -7.45 6.16 10.00
N SER B 334 -7.77 7.01 9.03
CA SER B 334 -7.63 6.59 7.64
C SER B 334 -6.23 6.02 7.35
N CYS B 335 -5.20 6.74 7.76
CA CYS B 335 -3.84 6.32 7.44
C CYS B 335 -3.53 5.03 8.19
N PHE B 336 -3.97 4.87 9.44
CA PHE B 336 -3.69 3.67 10.20
C PHE B 336 -4.15 2.43 9.44
N GLY B 337 -5.40 2.45 9.00
CA GLY B 337 -5.91 1.38 8.14
C GLY B 337 -5.17 1.18 6.83
N SER B 338 -4.56 2.23 6.26
CA SER B 338 -3.78 2.06 5.05
C SER B 338 -2.44 1.40 5.35
N VAL B 339 -1.86 1.62 6.55
CA VAL B 339 -0.66 0.88 6.91
C VAL B 339 -1.03 -0.60 6.91
N ASN B 340 -2.19 -0.94 7.50
CA ASN B 340 -2.62 -2.33 7.58
C ASN B 340 -2.75 -2.92 6.16
N GLY B 341 -3.48 -2.22 5.31
CA GLY B 341 -3.60 -2.55 3.89
C GLY B 341 -2.26 -2.94 3.27
N SER B 342 -1.23 -2.13 3.47
CA SER B 342 0.07 -2.39 2.85
C SER B 342 0.80 -3.51 3.54
N LEU B 343 0.69 -3.67 4.88
CA LEU B 343 1.36 -4.78 5.55
C LEU B 343 0.78 -6.12 5.09
N PHE B 344 -0.53 -6.19 5.16
CA PHE B 344 -1.26 -7.38 4.78
C PHE B 344 -0.89 -7.72 3.34
N THR B 345 -1.10 -6.78 2.42
CA THR B 345 -0.90 -7.03 1.01
C THR B 345 0.57 -7.33 0.65
N SER B 346 1.53 -6.62 1.21
CA SER B 346 2.95 -6.83 0.88
C SER B 346 3.50 -8.14 1.42
N SER B 347 3.08 -8.56 2.60
CA SER B 347 3.58 -9.84 3.12
C SER B 347 3.19 -10.99 2.21
N ARG B 348 2.02 -10.91 1.57
CA ARG B 348 1.61 -11.92 0.61
C ARG B 348 2.44 -11.83 -0.66
N LEU B 349 2.79 -10.65 -1.15
CA LEU B 349 3.71 -10.52 -2.28
C LEU B 349 5.05 -11.21 -1.99
N PHE B 350 5.72 -10.96 -0.86
CA PHE B 350 7.03 -11.55 -0.66
C PHE B 350 6.93 -13.03 -0.33
N PHE B 351 5.85 -13.48 0.31
CA PHE B 351 5.57 -14.91 0.43
C PHE B 351 5.57 -15.54 -0.96
N VAL B 352 4.74 -15.02 -1.88
CA VAL B 352 4.72 -15.49 -3.25
C VAL B 352 6.11 -15.40 -3.86
N GLY B 353 6.82 -14.30 -3.69
CA GLY B 353 8.16 -14.19 -4.23
C GLY B 353 9.16 -15.21 -3.71
N SER B 354 8.91 -15.78 -2.53
CA SER B 354 9.71 -16.88 -1.99
C SER B 354 9.27 -18.21 -2.60
N ARG B 355 7.95 -18.50 -2.62
CA ARG B 355 7.46 -19.79 -3.09
C ARG B 355 7.55 -19.93 -4.62
N GLU B 356 7.52 -18.82 -5.39
CA GLU B 356 7.86 -18.84 -6.81
C GLU B 356 9.37 -18.79 -7.04
N GLY B 357 10.19 -19.03 -5.99
CA GLY B 357 11.59 -19.44 -6.12
C GLY B 357 12.60 -18.33 -6.47
N HIS B 358 12.25 -17.06 -6.24
CA HIS B 358 13.16 -15.92 -6.46
C HIS B 358 13.86 -15.49 -5.17
N LEU B 359 13.11 -15.38 -4.07
CA LEU B 359 13.63 -14.87 -2.80
C LEU B 359 14.13 -15.98 -1.90
N PRO B 360 14.99 -15.66 -0.88
CA PRO B 360 15.39 -16.58 0.19
C PRO B 360 14.23 -17.35 0.82
N SER B 361 14.55 -18.57 1.26
CA SER B 361 13.55 -19.63 1.45
C SER B 361 12.75 -19.40 2.73
N ILE B 362 13.33 -18.66 3.70
CA ILE B 362 12.72 -18.51 5.02
C ILE B 362 11.37 -17.79 4.86
N LEU B 363 11.28 -16.87 3.91
CA LEU B 363 10.05 -16.09 3.65
C LEU B 363 8.85 -16.92 3.15
N SER B 364 9.04 -18.19 2.74
CA SER B 364 7.95 -19.10 2.40
C SER B 364 7.27 -19.71 3.64
N MET B 365 7.99 -19.76 4.78
CA MET B 365 7.63 -20.64 5.89
C MET B 365 6.44 -20.10 6.70
N ILE B 366 5.31 -20.83 6.71
CA ILE B 366 4.13 -20.45 7.46
C ILE B 366 4.22 -20.93 8.93
N HIS B 367 3.57 -20.26 9.89
CA HIS B 367 3.41 -20.79 11.24
C HIS B 367 2.28 -21.80 11.27
N PRO B 368 2.54 -23.12 11.55
CA PRO B 368 1.55 -24.16 11.28
C PRO B 368 0.35 -24.21 12.23
N GLN B 369 0.45 -23.63 13.44
CA GLN B 369 -0.72 -23.48 14.32
C GLN B 369 -1.53 -22.22 14.01
N LEU B 370 -0.86 -21.11 13.62
CA LEU B 370 -1.48 -19.79 13.45
C LEU B 370 -1.90 -19.50 12.00
N LEU B 371 -1.29 -20.20 11.02
CA LEU B 371 -1.63 -20.19 9.61
C LEU B 371 -1.33 -18.83 8.96
N THR B 372 -0.29 -18.12 9.46
CA THR B 372 0.15 -16.82 8.89
C THR B 372 1.58 -16.90 8.41
N PRO B 373 2.02 -16.21 7.35
CA PRO B 373 3.36 -16.41 6.76
C PRO B 373 4.44 -15.63 7.50
N VAL B 374 4.53 -15.85 8.83
CA VAL B 374 5.12 -14.98 9.83
C VAL B 374 6.46 -14.39 9.39
N PRO B 375 7.47 -15.11 8.85
CA PRO B 375 8.73 -14.46 8.50
C PRO B 375 8.57 -13.35 7.45
N SER B 376 7.62 -13.46 6.51
CA SER B 376 7.33 -12.37 5.57
C SER B 376 6.66 -11.16 6.24
N LEU B 377 5.75 -11.35 7.20
CA LEU B 377 5.26 -10.25 8.01
C LEU B 377 6.38 -9.58 8.83
N VAL B 378 7.26 -10.37 9.47
CA VAL B 378 8.39 -9.79 10.19
C VAL B 378 9.32 -9.10 9.22
N PHE B 379 9.62 -9.67 8.07
CA PHE B 379 10.54 -9.05 7.10
C PHE B 379 10.05 -7.70 6.62
N THR B 380 8.77 -7.60 6.23
CA THR B 380 8.20 -6.32 5.81
C THR B 380 8.11 -5.32 6.94
N CYS B 381 7.83 -5.76 8.17
CA CYS B 381 7.92 -4.87 9.29
C CYS B 381 9.34 -4.30 9.43
N VAL B 382 10.36 -5.16 9.52
CA VAL B 382 11.73 -4.75 9.72
C VAL B 382 12.23 -3.87 8.58
N MET B 383 11.95 -4.21 7.32
CA MET B 383 12.29 -3.34 6.20
C MET B 383 11.63 -1.96 6.33
N THR B 384 10.40 -1.88 6.83
CA THR B 384 9.74 -0.60 7.02
C THR B 384 10.49 0.22 8.05
N LEU B 385 10.82 -0.36 9.21
CA LEU B 385 11.38 0.43 10.29
C LEU B 385 12.75 1.01 9.93
N LEU B 386 13.51 0.44 8.96
CA LEU B 386 14.73 1.07 8.48
C LEU B 386 14.55 2.54 8.05
N TYR B 387 13.41 2.88 7.42
CA TYR B 387 13.17 4.19 6.85
C TYR B 387 12.98 5.26 7.91
N ALA B 388 12.56 4.89 9.13
CA ALA B 388 12.61 5.83 10.24
C ALA B 388 14.01 6.40 10.49
N PHE B 389 15.09 5.64 10.14
CA PHE B 389 16.48 6.04 10.29
C PHE B 389 16.98 6.59 8.94
N SER B 390 16.26 7.63 8.46
CA SER B 390 16.57 8.41 7.27
C SER B 390 15.98 9.83 7.39
N LYS B 391 16.48 10.77 6.55
CA LYS B 391 15.89 12.09 6.40
C LYS B 391 15.59 12.39 4.92
N ASP B 392 14.30 12.68 4.65
CA ASP B 392 13.76 13.25 3.42
C ASP B 392 14.27 12.57 2.13
N ILE B 393 14.04 11.25 2.04
CA ILE B 393 14.33 10.44 0.85
C ILE B 393 13.37 10.74 -0.32
N PHE B 394 12.40 11.65 -0.15
CA PHE B 394 11.20 11.81 -0.96
C PHE B 394 11.47 11.92 -2.47
N SER B 395 12.62 12.48 -2.90
CA SER B 395 12.86 12.71 -4.32
C SER B 395 12.93 11.41 -5.15
N VAL B 396 13.52 10.33 -4.61
CA VAL B 396 13.50 9.02 -5.29
C VAL B 396 12.10 8.39 -5.22
N ILE B 397 11.34 8.60 -4.15
CA ILE B 397 9.97 8.10 -4.05
C ILE B 397 9.10 8.70 -5.17
N ASN B 398 9.30 9.99 -5.45
CA ASN B 398 8.60 10.68 -6.51
C ASN B 398 8.95 10.09 -7.89
N PHE B 399 10.20 9.58 -8.06
CA PHE B 399 10.59 8.82 -9.25
C PHE B 399 9.89 7.47 -9.31
N PHE B 400 10.00 6.66 -8.25
CA PHE B 400 9.42 5.32 -8.27
C PHE B 400 7.89 5.32 -8.37
N SER B 401 7.17 6.40 -8.03
CA SER B 401 5.76 6.55 -8.33
C SER B 401 5.45 6.26 -9.80
N PHE B 402 6.36 6.52 -10.75
CA PHE B 402 6.20 6.13 -12.14
C PHE B 402 6.35 4.62 -12.34
N PHE B 403 7.23 3.95 -11.58
CA PHE B 403 7.57 2.54 -11.75
C PHE B 403 6.37 1.59 -11.55
N ASN B 404 5.51 1.91 -10.60
CA ASN B 404 4.25 1.20 -10.43
C ASN B 404 3.37 1.32 -11.68
N TRP B 405 3.23 2.51 -12.28
CA TRP B 405 2.42 2.67 -13.46
C TRP B 405 3.03 1.93 -14.65
N LEU B 406 4.37 1.92 -14.83
CA LEU B 406 4.90 1.12 -15.93
C LEU B 406 4.77 -0.38 -15.63
N CYS B 407 4.76 -0.84 -14.37
CA CYS B 407 4.40 -2.23 -14.03
C CYS B 407 2.95 -2.55 -14.41
N VAL B 408 1.98 -1.70 -14.08
CA VAL B 408 0.60 -1.85 -14.54
C VAL B 408 0.55 -1.92 -16.07
N ALA B 409 1.32 -1.06 -16.76
CA ALA B 409 1.40 -1.09 -18.22
C ALA B 409 1.97 -2.43 -18.71
N LEU B 410 3.16 -2.84 -18.26
CA LEU B 410 3.80 -4.08 -18.74
C LEU B 410 2.95 -5.29 -18.44
N ALA B 411 2.36 -5.36 -17.24
CA ALA B 411 1.44 -6.42 -16.89
C ALA B 411 0.22 -6.44 -17.84
N ILE B 412 -0.46 -5.32 -18.06
CA ILE B 412 -1.69 -5.34 -18.84
C ILE B 412 -1.41 -5.46 -20.34
N ILE B 413 -0.29 -4.92 -20.86
CA ILE B 413 0.26 -5.30 -22.16
C ILE B 413 0.43 -6.82 -22.23
N GLY B 414 1.02 -7.36 -21.18
CA GLY B 414 1.15 -8.80 -21.00
C GLY B 414 -0.17 -9.57 -21.01
N MET B 415 -1.28 -8.95 -20.61
CA MET B 415 -2.57 -9.59 -20.67
C MET B 415 -3.02 -9.82 -22.13
N ILE B 416 -2.84 -8.84 -23.02
CA ILE B 416 -3.11 -9.03 -24.45
C ILE B 416 -2.11 -10.03 -25.02
N TRP B 417 -0.82 -9.92 -24.67
CA TRP B 417 0.22 -10.82 -25.15
C TRP B 417 -0.10 -12.27 -24.82
N LEU B 418 -0.57 -12.50 -23.57
CA LEU B 418 -1.06 -13.79 -23.10
C LEU B 418 -2.35 -14.20 -23.82
N ARG B 419 -3.26 -13.25 -24.12
CA ARG B 419 -4.46 -13.56 -24.89
C ARG B 419 -4.12 -14.09 -26.29
N HIS B 420 -3.25 -13.40 -27.03
CA HIS B 420 -2.84 -13.84 -28.37
C HIS B 420 -2.02 -15.14 -28.35
N ARG B 421 -1.10 -15.32 -27.39
CA ARG B 421 -0.27 -16.52 -27.34
C ARG B 421 -1.03 -17.73 -26.75
N LYS B 422 -2.14 -17.53 -26.03
CA LYS B 422 -2.86 -18.62 -25.35
C LYS B 422 -4.37 -18.36 -25.25
N PRO B 423 -5.11 -18.36 -26.39
CA PRO B 423 -6.57 -18.30 -26.38
C PRO B 423 -7.23 -19.59 -25.89
N GLU B 424 -6.43 -20.67 -25.70
CA GLU B 424 -6.87 -21.96 -25.16
C GLU B 424 -7.37 -21.91 -23.71
N LEU B 425 -6.85 -20.95 -22.91
CA LEU B 425 -7.11 -20.87 -21.47
C LEU B 425 -8.58 -20.61 -21.12
N GLU B 426 -8.96 -21.10 -19.93
CA GLU B 426 -10.18 -20.69 -19.26
C GLU B 426 -10.06 -19.22 -18.83
N ARG B 427 -11.14 -18.44 -19.06
CA ARG B 427 -11.24 -17.04 -18.68
C ARG B 427 -12.58 -16.84 -17.97
N PRO B 428 -12.62 -16.93 -16.62
CA PRO B 428 -13.86 -16.76 -15.84
C PRO B 428 -14.60 -15.43 -16.02
N ILE B 429 -13.89 -14.39 -16.51
CA ILE B 429 -14.52 -13.25 -17.17
C ILE B 429 -13.61 -12.77 -18.32
N LYS B 430 -14.22 -12.23 -19.40
CA LYS B 430 -13.48 -11.69 -20.55
C LYS B 430 -13.85 -10.21 -20.77
N VAL B 431 -12.82 -9.39 -21.05
CA VAL B 431 -12.94 -7.94 -21.19
C VAL B 431 -12.84 -7.54 -22.67
N ASN B 432 -13.75 -6.64 -23.09
CA ASN B 432 -13.81 -6.04 -24.43
C ASN B 432 -12.45 -5.41 -24.77
N LEU B 433 -11.76 -5.87 -25.82
CA LEU B 433 -10.35 -5.54 -26.03
C LEU B 433 -10.12 -4.02 -26.24
N ALA B 434 -11.17 -3.30 -26.67
CA ALA B 434 -11.18 -1.83 -26.72
C ALA B 434 -10.76 -1.16 -25.40
N LEU B 435 -11.08 -1.75 -24.23
CA LEU B 435 -10.79 -1.12 -22.96
C LEU B 435 -9.29 -1.20 -22.66
N PRO B 436 -8.58 -2.35 -22.65
CA PRO B 436 -7.11 -2.34 -22.59
C PRO B 436 -6.43 -1.49 -23.66
N VAL B 437 -6.91 -1.50 -24.91
CA VAL B 437 -6.33 -0.68 -25.98
C VAL B 437 -6.41 0.82 -25.65
N PHE B 438 -7.53 1.28 -25.08
CA PHE B 438 -7.68 2.64 -24.57
C PHE B 438 -6.78 2.92 -23.36
N PHE B 439 -6.79 2.00 -22.39
CA PHE B 439 -6.11 2.18 -21.11
C PHE B 439 -4.58 2.17 -21.26
N ILE B 440 -4.00 1.26 -22.05
CA ILE B 440 -2.55 1.15 -22.19
C ILE B 440 -1.95 2.44 -22.75
N LEU B 441 -2.54 2.99 -23.82
CA LEU B 441 -2.04 4.22 -24.42
C LEU B 441 -2.14 5.37 -23.43
N ALA B 442 -3.31 5.56 -22.78
CA ALA B 442 -3.51 6.62 -21.80
C ALA B 442 -2.52 6.50 -20.63
N CYS B 443 -2.26 5.28 -20.17
CA CYS B 443 -1.26 5.00 -19.13
C CYS B 443 0.15 5.39 -19.59
N LEU B 444 0.59 4.92 -20.76
CA LEU B 444 1.92 5.23 -21.28
C LEU B 444 2.08 6.71 -21.60
N PHE B 445 1.02 7.39 -22.04
CA PHE B 445 0.98 8.84 -22.19
C PHE B 445 1.22 9.53 -20.84
N LEU B 446 0.43 9.20 -19.81
CA LEU B 446 0.56 9.84 -18.49
C LEU B 446 1.87 9.49 -17.79
N ILE B 447 2.47 8.33 -18.06
CA ILE B 447 3.85 8.07 -17.65
C ILE B 447 4.79 9.00 -18.42
N ALA B 448 4.81 8.90 -19.74
CA ALA B 448 5.87 9.46 -20.59
C ALA B 448 5.93 10.99 -20.50
N VAL B 449 4.79 11.66 -20.71
CA VAL B 449 4.76 13.12 -20.76
C VAL B 449 5.07 13.66 -19.35
N SER B 450 4.46 13.09 -18.32
CA SER B 450 4.71 13.54 -16.95
C SER B 450 6.17 13.29 -16.53
N PHE B 451 6.77 12.20 -17.01
CA PHE B 451 8.17 11.91 -16.73
C PHE B 451 9.07 12.94 -17.40
N TRP B 452 8.81 13.28 -18.66
CA TRP B 452 9.55 14.33 -19.36
C TRP B 452 9.44 15.71 -18.66
N LYS B 453 8.26 16.01 -18.09
CA LYS B 453 8.08 17.19 -17.23
C LYS B 453 8.75 17.09 -15.84
N THR B 454 8.90 15.88 -15.26
CA THR B 454 9.37 15.69 -13.87
C THR B 454 10.25 14.42 -13.68
N PRO B 455 11.46 14.34 -14.31
CA PRO B 455 12.38 13.21 -14.12
C PRO B 455 13.21 13.37 -12.84
N VAL B 456 12.53 13.41 -11.68
CA VAL B 456 12.99 14.14 -10.50
C VAL B 456 14.37 13.69 -9.99
N GLU B 457 14.66 12.37 -9.93
CA GLU B 457 15.90 11.90 -9.30
C GLU B 457 16.47 10.65 -9.98
N CYS B 458 16.35 10.58 -11.32
CA CYS B 458 16.56 9.35 -12.09
C CYS B 458 18.02 8.84 -11.99
N GLY B 459 18.99 9.73 -11.68
CA GLY B 459 20.37 9.34 -11.41
C GLY B 459 20.52 8.36 -10.23
N ILE B 460 19.77 8.58 -9.14
CA ILE B 460 19.71 7.64 -8.03
C ILE B 460 18.70 6.53 -8.35
N GLY B 461 17.57 6.86 -9.00
CA GLY B 461 16.59 5.89 -9.45
C GLY B 461 17.18 4.68 -10.18
N PHE B 462 17.85 4.90 -11.31
CA PHE B 462 18.48 3.82 -12.04
C PHE B 462 19.74 3.27 -11.34
N THR B 463 20.36 3.99 -10.41
CA THR B 463 21.38 3.41 -9.53
C THR B 463 20.76 2.28 -8.71
N ILE B 464 19.55 2.47 -8.18
CA ILE B 464 18.90 1.47 -7.35
C ILE B 464 18.36 0.34 -8.24
N ILE B 465 17.68 0.64 -9.36
CA ILE B 465 17.09 -0.38 -10.22
C ILE B 465 18.14 -1.42 -10.66
N LEU B 466 19.29 -0.97 -11.17
CA LEU B 466 20.32 -1.90 -11.66
C LEU B 466 21.02 -2.66 -10.53
N SER B 467 20.95 -2.22 -9.28
CA SER B 467 21.50 -2.94 -8.12
C SER B 467 20.78 -4.28 -7.85
N GLY B 468 19.59 -4.49 -8.43
CA GLY B 468 18.92 -5.78 -8.39
C GLY B 468 19.57 -6.86 -9.28
N LEU B 469 20.22 -6.45 -10.37
CA LEU B 469 20.78 -7.42 -11.33
C LEU B 469 21.92 -8.25 -10.71
N PRO B 470 22.95 -7.69 -10.01
CA PRO B 470 23.90 -8.47 -9.21
C PRO B 470 23.28 -9.52 -8.31
N VAL B 471 22.21 -9.14 -7.61
CA VAL B 471 21.52 -10.05 -6.69
C VAL B 471 20.78 -11.14 -7.47
N TYR B 472 20.25 -10.86 -8.67
CA TYR B 472 19.72 -11.92 -9.54
C TYR B 472 20.79 -12.95 -9.92
N PHE B 473 21.94 -12.48 -10.42
CA PHE B 473 23.03 -13.39 -10.80
C PHE B 473 23.55 -14.22 -9.62
N PHE B 474 23.61 -13.63 -8.42
CA PHE B 474 24.04 -14.33 -7.21
C PHE B 474 22.95 -15.26 -6.62
N GLY B 475 21.67 -14.89 -6.69
CA GLY B 475 20.61 -15.54 -5.91
C GLY B 475 19.62 -16.41 -6.70
N VAL B 476 19.53 -16.21 -8.03
CA VAL B 476 18.49 -16.84 -8.85
C VAL B 476 19.13 -17.62 -10.03
N TRP B 477 20.09 -17.02 -10.73
CA TRP B 477 20.80 -17.66 -11.83
C TRP B 477 21.78 -18.75 -11.39
N TRP B 478 22.27 -18.66 -10.16
CA TRP B 478 23.56 -19.22 -9.78
C TRP B 478 23.61 -20.74 -9.69
N LYS B 479 24.84 -21.30 -9.85
CA LYS B 479 25.10 -22.74 -9.79
C LYS B 479 25.54 -23.21 -8.39
N ASN B 480 25.55 -22.29 -7.40
CA ASN B 480 25.69 -22.53 -5.96
C ASN B 480 27.04 -23.18 -5.59
N LYS B 481 28.13 -22.67 -6.20
CA LYS B 481 29.50 -23.11 -5.96
C LYS B 481 30.03 -22.89 -4.52
N PRO B 482 29.74 -21.77 -3.81
CA PRO B 482 30.37 -21.48 -2.51
C PRO B 482 29.76 -22.26 -1.34
N LYS B 483 30.15 -23.53 -1.22
CA LYS B 483 29.53 -24.46 -0.28
C LYS B 483 29.66 -24.02 1.19
N TRP B 484 30.68 -23.22 1.54
CA TRP B 484 30.81 -22.65 2.89
C TRP B 484 29.64 -21.73 3.24
N LEU B 485 29.14 -20.94 2.26
CA LEU B 485 27.98 -20.08 2.47
C LEU B 485 26.71 -20.93 2.65
N LEU B 486 26.57 -22.01 1.88
CA LEU B 486 25.36 -22.83 1.92
C LEU B 486 25.13 -23.45 3.32
N GLN B 487 26.20 -23.80 4.04
CA GLN B 487 26.08 -24.25 5.43
C GLN B 487 25.49 -23.16 6.33
N GLY B 488 25.92 -21.91 6.14
CA GLY B 488 25.36 -20.75 6.84
C GLY B 488 23.89 -20.49 6.48
N ILE B 489 23.55 -20.60 5.19
CA ILE B 489 22.18 -20.43 4.72
C ILE B 489 21.29 -21.47 5.40
N PHE B 490 21.63 -22.77 5.35
CA PHE B 490 20.87 -23.78 6.05
C PHE B 490 20.79 -23.50 7.55
N SER B 491 21.93 -23.19 8.21
CA SER B 491 22.00 -22.99 9.65
C SER B 491 21.07 -21.85 10.11
N THR B 492 21.19 -20.69 9.45
CA THR B 492 20.35 -19.54 9.76
C THR B 492 18.89 -19.83 9.42
N THR B 493 18.62 -20.60 8.37
CA THR B 493 17.26 -21.00 8.02
C THR B 493 16.64 -21.81 9.17
N VAL B 494 17.30 -22.90 9.62
CA VAL B 494 16.73 -23.72 10.69
C VAL B 494 16.66 -22.94 12.01
N LEU B 495 17.59 -22.00 12.26
CA LEU B 495 17.51 -21.09 13.38
C LEU B 495 16.19 -20.31 13.29
N CYS B 496 15.93 -19.67 12.16
CA CYS B 496 14.67 -18.94 11.99
C CYS B 496 13.46 -19.86 12.13
N GLN B 497 13.49 -21.06 11.54
CA GLN B 497 12.36 -21.99 11.63
C GLN B 497 12.10 -22.43 13.08
N LYS B 498 13.15 -22.72 13.88
CA LYS B 498 13.01 -23.09 15.28
C LYS B 498 12.55 -21.91 16.13
N LEU B 499 13.08 -20.70 15.82
CA LEU B 499 12.78 -19.48 16.54
C LEU B 499 11.33 -19.04 16.31
N MET B 500 10.93 -18.91 15.05
CA MET B 500 9.60 -18.44 14.68
C MET B 500 8.55 -19.56 14.72
N GLN B 501 8.99 -20.84 14.72
CA GLN B 501 8.14 -22.03 14.63
C GLN B 501 7.38 -22.04 13.29
N VAL B 502 8.10 -22.26 12.17
CA VAL B 502 7.51 -22.16 10.83
C VAL B 502 7.97 -23.25 9.85
N VAL B 503 7.05 -23.56 8.90
CA VAL B 503 6.98 -24.77 8.09
C VAL B 503 6.67 -24.40 6.65
N PRO B 504 7.31 -24.97 5.60
CA PRO B 504 7.04 -24.53 4.22
C PRO B 504 5.62 -24.86 3.71
N GLN B 505 5.19 -24.10 2.69
CA GLN B 505 4.01 -24.31 1.89
C GLN B 505 4.00 -25.69 1.25
N GLU B 506 3.04 -26.55 1.62
CA GLU B 506 2.95 -27.89 1.03
C GLU B 506 2.01 -27.86 -0.20
N THR B 507 2.62 -27.82 -1.39
CA THR B 507 1.97 -27.43 -2.66
C THR B 507 0.64 -28.18 -2.87
N PHE C . -4.15 6.12 -2.65
CA PHE C . -3.22 5.78 -1.55
C PHE C . -3.38 6.70 -0.34
O PHE C . -3.96 7.80 -0.50
CB PHE C . -1.77 5.86 -2.04
CG PHE C . -1.36 4.80 -3.03
CD1 PHE C . -0.80 5.16 -4.25
CD2 PHE C . -1.49 3.44 -2.73
CE1 PHE C . -0.40 4.19 -5.15
CE2 PHE C . -1.09 2.48 -3.63
CZ PHE C . -0.56 2.86 -4.85
OXT PHE C . -2.90 6.23 0.75
#